data_8TB5
#
_entry.id   8TB5
#
_cell.length_a   55.941
_cell.length_b   47.497
_cell.length_c   113.379
_cell.angle_alpha   90.000
_cell.angle_beta   93.510
_cell.angle_gamma   90.000
#
_symmetry.space_group_name_H-M   'P 1 21 1'
#
loop_
_entity.id
_entity.type
_entity.pdbx_description
1 polymer 'Non-receptor tyrosine-protein kinase TYK2'
2 non-polymer 'ACETATE ION'
3 non-polymer N-{(3P)-3-[3-(dimethylsulfamoyl)phenyl]-1H-pyrrolo[2,3-c]pyridin-5-yl}cyclopropanecarboxamide
4 water water
#
_entity_poly.entity_id   1
_entity_poly.type   'polypeptide(L)'
_entity_poly.pdbx_seq_one_letter_code
;AHHHHHHHHHHGALEVLFQGPGARASPRTLNLSQLSFHRVDQKEITQLSHLGQGTRTNVYEGRLRVEGSGDPEEGKMDDE
DPLVPGRDRGQELRVVLKVLDPSHHDIALAFYETASLMSQVSHTHLAFVHGVCVRGPENIMVTEYVEHGPLDVWLRRERG
HVPMAWKMVVAQQLASALSYLENKNLVHGNVCGRNILLARLGLAEGTSPFIKLSDPGVGLGALSREERVERIPWLAPECL
PGGANSLSTAMDKWGFGATLLEICFDGEAPLQSRSPSEKEHFYQRQHRLPEPSCPQLATLTSQCLTYEPTQRPSFRTILR
DLTRLQ
;
_entity_poly.pdbx_strand_id   A,B
#
# COMPACT_ATOMS: atom_id res chain seq x y z
N SER A 36 -18.69 -12.21 -19.29
CA SER A 36 -19.26 -11.96 -20.60
C SER A 36 -18.23 -11.44 -21.61
N PHE A 37 -16.96 -11.45 -21.21
CA PHE A 37 -15.88 -10.99 -22.10
C PHE A 37 -15.54 -12.04 -23.16
N HIS A 38 -14.93 -11.57 -24.26
CA HIS A 38 -14.47 -12.45 -25.34
C HIS A 38 -13.07 -12.97 -25.04
N ARG A 39 -12.81 -14.20 -25.48
CA ARG A 39 -11.51 -14.83 -25.33
C ARG A 39 -10.68 -14.62 -26.59
N VAL A 40 -9.44 -14.15 -26.42
CA VAL A 40 -8.47 -14.03 -27.50
C VAL A 40 -7.34 -15.01 -27.23
N ASP A 41 -6.91 -15.76 -28.24
CA ASP A 41 -5.86 -16.76 -28.04
C ASP A 41 -4.48 -16.21 -28.36
N GLN A 42 -3.48 -16.71 -27.63
CA GLN A 42 -2.11 -16.21 -27.76
C GLN A 42 -1.60 -16.27 -29.20
N LYS A 43 -2.07 -17.26 -29.99
CA LYS A 43 -1.57 -17.39 -31.35
C LYS A 43 -2.05 -16.26 -32.27
N GLU A 44 -3.12 -15.55 -31.91
CA GLU A 44 -3.61 -14.49 -32.78
C GLU A 44 -2.94 -13.14 -32.54
N ILE A 45 -2.23 -12.94 -31.43
CA ILE A 45 -1.70 -11.62 -31.07
C ILE A 45 -0.19 -11.61 -31.19
N THR A 46 0.33 -10.49 -31.69
CA THR A 46 1.75 -10.18 -31.77
C THR A 46 1.99 -8.90 -30.98
N GLN A 47 2.96 -8.94 -30.06
CA GLN A 47 3.28 -7.78 -29.22
C GLN A 47 4.40 -6.98 -29.87
N LEU A 48 4.20 -5.68 -30.04
CA LEU A 48 5.19 -4.79 -30.64
C LEU A 48 5.73 -3.84 -29.58
N SER A 49 5.86 -2.55 -29.84
CA SER A 49 6.55 -1.64 -28.95
C SER A 49 5.75 -1.25 -27.71
N HIS A 50 6.48 -1.08 -26.62
CA HIS A 50 5.96 -0.57 -25.37
C HIS A 50 5.45 0.85 -25.53
N LEU A 51 4.21 1.09 -25.11
CA LEU A 51 3.61 2.40 -25.25
C LEU A 51 3.62 3.21 -23.96
N GLY A 52 3.80 2.56 -22.81
CA GLY A 52 3.75 3.19 -21.51
C GLY A 52 3.18 2.22 -20.48
N GLN A 53 2.65 2.78 -19.41
CA GLN A 53 2.17 1.96 -18.30
C GLN A 53 0.88 2.54 -17.74
N GLY A 54 -0.04 1.64 -17.36
CA GLY A 54 -1.24 2.00 -16.66
C GLY A 54 -1.19 1.54 -15.22
N THR A 55 -2.34 1.65 -14.56
CA THR A 55 -2.45 1.17 -13.18
C THR A 55 -2.30 -0.35 -13.19
N ARG A 56 -1.13 -0.82 -12.76
CA ARG A 56 -0.80 -2.23 -12.66
C ARG A 56 -0.76 -2.93 -14.02
N THR A 57 -0.37 -2.19 -15.05
CA THR A 57 -0.31 -2.74 -16.40
C THR A 57 0.91 -2.19 -17.13
N ASN A 58 1.31 -2.93 -18.16
CA ASN A 58 2.26 -2.48 -19.16
C ASN A 58 1.54 -2.52 -20.50
N VAL A 59 1.65 -1.46 -21.28
CA VAL A 59 0.82 -1.27 -22.48
C VAL A 59 1.73 -1.32 -23.70
N TYR A 60 1.33 -2.08 -24.72
CA TYR A 60 2.12 -2.35 -25.92
C TYR A 60 1.26 -2.18 -27.15
N GLU A 61 1.86 -1.72 -28.23
CA GLU A 61 1.19 -1.83 -29.53
C GLU A 61 1.19 -3.29 -29.94
N GLY A 62 0.12 -3.72 -30.59
CA GLY A 62 0.06 -5.07 -31.09
C GLY A 62 -0.64 -5.24 -32.44
N ARG A 63 -0.83 -6.51 -32.81
CA ARG A 63 -1.52 -6.93 -34.00
C ARG A 63 -2.41 -8.12 -33.61
N LEU A 64 -3.66 -8.10 -34.07
CA LEU A 64 -4.59 -9.20 -33.80
C LEU A 64 -5.00 -9.86 -35.11
N ARG A 65 -4.67 -11.15 -35.24
CA ARG A 65 -4.92 -11.95 -36.45
C ARG A 65 -4.33 -11.28 -37.69
N GLU A 92 -5.29 -8.76 -40.37
CA GLU A 92 -4.57 -8.33 -39.17
C GLU A 92 -4.99 -6.92 -38.71
N LEU A 93 -5.47 -6.80 -37.47
CA LEU A 93 -5.88 -5.51 -36.90
C LEU A 93 -4.80 -4.91 -36.02
N ARG A 94 -4.67 -3.59 -36.09
CA ARG A 94 -3.85 -2.81 -35.17
C ARG A 94 -4.57 -2.71 -33.82
N VAL A 95 -3.89 -3.07 -32.74
CA VAL A 95 -4.50 -3.14 -31.41
C VAL A 95 -3.51 -2.65 -30.36
N VAL A 96 -4.00 -2.48 -29.14
CA VAL A 96 -3.18 -2.19 -27.96
C VAL A 96 -3.35 -3.33 -26.96
N LEU A 97 -2.25 -3.80 -26.40
CA LEU A 97 -2.23 -4.92 -25.46
C LEU A 97 -1.95 -4.37 -24.08
N LYS A 98 -2.87 -4.57 -23.16
CA LYS A 98 -2.73 -4.05 -21.80
C LYS A 98 -2.45 -5.25 -20.90
N VAL A 99 -1.20 -5.40 -20.51
CA VAL A 99 -0.70 -6.59 -19.82
C VAL A 99 -0.78 -6.37 -18.31
N LEU A 100 -1.62 -7.14 -17.64
CA LEU A 100 -1.76 -7.03 -16.19
C LEU A 100 -0.54 -7.62 -15.50
N ASP A 101 0.12 -6.82 -14.67
CA ASP A 101 1.16 -7.26 -13.73
C ASP A 101 0.68 -8.54 -13.03
N PRO A 102 1.56 -9.50 -12.73
CA PRO A 102 1.15 -10.64 -11.89
C PRO A 102 0.50 -10.16 -10.60
N SER A 103 -0.71 -10.65 -10.34
CA SER A 103 -1.59 -10.04 -9.35
C SER A 103 -2.41 -11.10 -8.63
N HIS A 104 -2.98 -10.68 -7.50
CA HIS A 104 -3.92 -11.50 -6.75
C HIS A 104 -5.26 -11.59 -7.48
N HIS A 105 -6.06 -12.59 -7.11
CA HIS A 105 -7.36 -12.80 -7.73
C HIS A 105 -8.20 -11.53 -7.74
N ASP A 106 -8.11 -10.73 -6.67
CA ASP A 106 -9.00 -9.58 -6.57
C ASP A 106 -8.68 -8.52 -7.61
N ILE A 107 -7.41 -8.38 -7.99
CA ILE A 107 -7.05 -7.49 -9.08
C ILE A 107 -7.44 -8.13 -10.41
N ALA A 108 -7.10 -9.41 -10.58
CA ALA A 108 -7.43 -10.10 -11.81
C ALA A 108 -8.93 -10.05 -12.09
N LEU A 109 -9.75 -10.26 -11.05
CA LEU A 109 -11.19 -10.20 -11.24
C LEU A 109 -11.62 -8.82 -11.72
N ALA A 110 -11.14 -7.75 -11.07
CA ALA A 110 -11.51 -6.40 -11.45
C ALA A 110 -11.11 -6.07 -12.89
N PHE A 111 -9.97 -6.60 -13.35
CA PHE A 111 -9.57 -6.49 -14.75
C PHE A 111 -10.59 -7.13 -15.68
N TYR A 112 -10.97 -8.38 -15.37
CA TYR A 112 -11.96 -9.07 -16.18
C TYR A 112 -13.34 -8.41 -16.09
N GLU A 113 -13.68 -7.81 -14.95
CA GLU A 113 -14.95 -7.09 -14.88
C GLU A 113 -14.97 -5.91 -15.85
N THR A 114 -13.82 -5.25 -16.01
CA THR A 114 -13.75 -4.13 -16.95
C THR A 114 -13.93 -4.61 -18.38
N ALA A 115 -13.28 -5.73 -18.74
CA ALA A 115 -13.43 -6.29 -20.08
C ALA A 115 -14.89 -6.64 -20.37
N SER A 116 -15.61 -7.14 -19.37
CA SER A 116 -17.02 -7.48 -19.53
C SER A 116 -17.87 -6.22 -19.72
N LEU A 117 -17.71 -5.23 -18.85
CA LEU A 117 -18.45 -3.98 -19.01
C LEU A 117 -18.24 -3.38 -20.40
N MET A 118 -17.00 -3.40 -20.90
CA MET A 118 -16.70 -2.78 -22.19
C MET A 118 -17.24 -3.60 -23.38
N SER A 119 -17.34 -4.92 -23.25
CA SER A 119 -17.89 -5.74 -24.33
C SER A 119 -19.40 -5.59 -24.47
N GLN A 120 -20.04 -4.95 -23.50
CA GLN A 120 -21.47 -4.82 -23.45
C GLN A 120 -21.96 -3.46 -23.95
N VAL A 121 -21.07 -2.48 -24.10
CA VAL A 121 -21.43 -1.14 -24.53
C VAL A 121 -20.89 -0.87 -25.93
N SER A 122 -21.50 0.12 -26.58
CA SER A 122 -21.15 0.61 -27.90
C SER A 122 -21.39 2.11 -27.89
N HIS A 123 -20.40 2.87 -28.32
CA HIS A 123 -20.64 4.29 -28.45
C HIS A 123 -19.58 4.86 -29.37
N THR A 124 -19.99 5.84 -30.18
CA THR A 124 -19.05 6.42 -31.13
C THR A 124 -17.84 7.01 -30.41
N HIS A 125 -17.99 7.43 -29.17
CA HIS A 125 -16.86 7.98 -28.42
C HIS A 125 -16.38 7.07 -27.28
N LEU A 126 -16.61 5.76 -27.36
CA LEU A 126 -15.94 4.77 -26.51
C LEU A 126 -15.07 3.87 -27.37
N ALA A 127 -13.84 3.61 -26.92
CA ALA A 127 -12.99 2.72 -27.69
C ALA A 127 -13.39 1.27 -27.47
N PHE A 128 -13.06 0.41 -28.45
CA PHE A 128 -13.52 -0.98 -28.45
C PHE A 128 -12.57 -1.85 -27.66
N VAL A 129 -13.12 -2.86 -27.00
CA VAL A 129 -12.35 -3.92 -26.37
C VAL A 129 -12.65 -5.22 -27.10
N HIS A 130 -11.61 -5.87 -27.62
CA HIS A 130 -11.80 -7.11 -28.37
C HIS A 130 -11.94 -8.32 -27.46
N GLY A 131 -11.32 -8.31 -26.29
CA GLY A 131 -11.38 -9.44 -25.39
C GLY A 131 -10.16 -9.48 -24.49
N VAL A 132 -9.93 -10.65 -23.90
CA VAL A 132 -8.82 -10.90 -23.00
C VAL A 132 -8.10 -12.17 -23.41
N CYS A 133 -6.79 -12.10 -23.51
CA CYS A 133 -5.92 -13.23 -23.79
C CYS A 133 -5.22 -13.67 -22.51
N VAL A 134 -4.95 -14.96 -22.38
CA VAL A 134 -4.19 -15.49 -21.26
C VAL A 134 -2.90 -16.10 -21.79
N ARG A 135 -1.77 -15.54 -21.35
CA ARG A 135 -0.44 -15.93 -21.80
C ARG A 135 0.36 -16.41 -20.59
N GLY A 136 -0.05 -17.54 -20.02
CA GLY A 136 0.52 -18.03 -18.79
C GLY A 136 -0.04 -17.26 -17.60
N PRO A 137 0.86 -16.70 -16.78
CA PRO A 137 0.40 -15.83 -15.68
C PRO A 137 -0.01 -14.45 -16.13
N GLU A 138 0.08 -14.18 -17.43
CA GLU A 138 -0.19 -12.86 -17.99
C GLU A 138 -1.65 -12.76 -18.41
N ASN A 139 -2.36 -11.79 -17.85
CA ASN A 139 -3.69 -11.41 -18.30
C ASN A 139 -3.57 -10.19 -19.20
N ILE A 140 -4.06 -10.32 -20.43
CA ILE A 140 -3.84 -9.28 -21.43
C ILE A 140 -5.19 -8.86 -21.97
N MET A 141 -5.49 -7.58 -21.86
CA MET A 141 -6.67 -7.02 -22.51
C MET A 141 -6.25 -6.56 -23.90
N VAL A 142 -7.08 -6.88 -24.90
CA VAL A 142 -6.86 -6.51 -26.30
C VAL A 142 -7.88 -5.42 -26.66
N THR A 143 -7.40 -4.25 -27.08
CA THR A 143 -8.24 -3.08 -27.29
C THR A 143 -7.91 -2.39 -28.61
N GLU A 144 -8.82 -1.54 -29.05
CA GLU A 144 -8.62 -0.71 -30.24
C GLU A 144 -7.38 0.17 -30.10
N TYR A 145 -6.57 0.24 -31.16
CA TYR A 145 -5.53 1.26 -31.24
C TYR A 145 -6.14 2.58 -31.70
N VAL A 146 -6.05 3.62 -30.87
CA VAL A 146 -6.55 4.94 -31.26
C VAL A 146 -5.36 5.79 -31.69
N GLU A 147 -5.36 6.18 -32.97
CA GLU A 147 -4.19 6.67 -33.70
C GLU A 147 -3.25 7.61 -32.95
N HIS A 148 -3.76 8.71 -32.41
CA HIS A 148 -2.87 9.75 -31.90
C HIS A 148 -2.67 9.70 -30.38
N GLY A 149 -3.25 8.71 -29.70
CA GLY A 149 -2.89 8.43 -28.33
C GLY A 149 -3.55 9.32 -27.29
N PRO A 150 -3.03 9.27 -26.07
CA PRO A 150 -3.66 9.97 -24.95
C PRO A 150 -3.69 11.49 -25.12
N LEU A 151 -4.84 12.07 -24.77
CA LEU A 151 -5.13 13.49 -24.94
C LEU A 151 -4.24 14.39 -24.09
N ASP A 152 -4.03 14.03 -22.82
CA ASP A 152 -3.26 14.90 -21.93
C ASP A 152 -1.83 15.09 -22.42
N VAL A 153 -1.21 14.01 -22.90
CA VAL A 153 0.14 14.09 -23.45
C VAL A 153 0.14 14.96 -24.70
N TRP A 154 -0.92 14.85 -25.50
CA TRP A 154 -1.01 15.61 -26.74
C TRP A 154 -1.21 17.10 -26.45
N LEU A 155 -2.05 17.43 -25.48
CA LEU A 155 -2.30 18.83 -25.15
C LEU A 155 -1.04 19.52 -24.61
N ARG A 156 -0.29 18.83 -23.74
CA ARG A 156 0.96 19.39 -23.23
C ARG A 156 1.95 19.68 -24.36
N ARG A 157 2.00 18.81 -25.38
CA ARG A 157 2.82 19.06 -26.56
C ARG A 157 2.37 20.33 -27.30
N GLU A 158 1.06 20.51 -27.48
CA GLU A 158 0.53 21.60 -28.27
C GLU A 158 0.09 22.81 -27.44
N ARG A 159 0.51 22.89 -26.18
CA ARG A 159 0.02 23.98 -25.33
C ARG A 159 0.24 25.31 -26.04
N GLY A 160 -0.79 26.17 -26.01
CA GLY A 160 -0.78 27.41 -26.74
C GLY A 160 -1.21 27.32 -28.20
N HIS A 161 -1.47 26.12 -28.72
CA HIS A 161 -1.95 25.96 -30.08
C HIS A 161 -3.38 25.46 -30.15
N VAL A 162 -4.02 25.16 -29.03
CA VAL A 162 -5.31 24.48 -29.02
C VAL A 162 -6.40 25.53 -28.72
N PRO A 163 -7.23 25.88 -29.67
CA PRO A 163 -8.22 26.94 -29.46
C PRO A 163 -9.40 26.47 -28.62
N MET A 164 -10.06 27.46 -28.02
CA MET A 164 -11.18 27.22 -27.11
C MET A 164 -12.28 26.39 -27.78
N ALA A 165 -12.59 26.66 -29.05
CA ALA A 165 -13.63 25.90 -29.74
C ALA A 165 -13.28 24.42 -29.80
N TRP A 166 -11.99 24.12 -30.02
CA TRP A 166 -11.53 22.73 -30.05
C TRP A 166 -11.81 22.03 -28.73
N LYS A 167 -11.59 22.75 -27.62
CA LYS A 167 -11.81 22.14 -26.31
C LYS A 167 -13.30 21.95 -26.03
N MET A 168 -14.17 22.82 -26.56
CA MET A 168 -15.60 22.65 -26.36
C MET A 168 -16.15 21.43 -27.12
N VAL A 169 -15.63 21.16 -28.32
CA VAL A 169 -15.99 19.95 -29.04
C VAL A 169 -15.66 18.72 -28.22
N VAL A 170 -14.44 18.66 -27.69
CA VAL A 170 -14.00 17.51 -26.91
C VAL A 170 -14.87 17.37 -25.67
N ALA A 171 -15.23 18.49 -25.04
CA ALA A 171 -16.09 18.43 -23.86
C ALA A 171 -17.45 17.81 -24.19
N GLN A 172 -18.07 18.24 -25.31
CA GLN A 172 -19.34 17.65 -25.73
C GLN A 172 -19.21 16.17 -26.07
N GLN A 173 -18.11 15.79 -26.71
CA GLN A 173 -17.93 14.38 -27.07
C GLN A 173 -17.81 13.51 -25.83
N LEU A 174 -17.08 13.98 -24.81
CA LEU A 174 -16.94 13.22 -23.58
C LEU A 174 -18.24 13.16 -22.80
N ALA A 175 -18.95 14.30 -22.72
CA ALA A 175 -20.27 14.34 -22.09
C ALA A 175 -21.26 13.42 -22.79
N SER A 176 -21.16 13.30 -24.12
CA SER A 176 -22.03 12.39 -24.86
C SER A 176 -21.78 10.94 -24.46
N ALA A 177 -20.52 10.53 -24.42
CA ALA A 177 -20.19 9.17 -24.01
C ALA A 177 -20.65 8.88 -22.58
N LEU A 178 -20.43 9.84 -21.67
CA LEU A 178 -20.84 9.66 -20.28
C LEU A 178 -22.36 9.71 -20.13
N SER A 179 -23.03 10.50 -20.97
CA SER A 179 -24.50 10.49 -21.01
C SER A 179 -25.05 9.11 -21.36
N TYR A 180 -24.44 8.43 -22.34
CA TYR A 180 -24.90 7.10 -22.71
C TYR A 180 -24.65 6.10 -21.58
N LEU A 181 -23.47 6.14 -20.96
CA LEU A 181 -23.20 5.26 -19.82
C LEU A 181 -24.15 5.53 -18.66
N GLU A 182 -24.47 6.80 -18.41
CA GLU A 182 -25.39 7.16 -17.34
C GLU A 182 -26.77 6.56 -17.56
N ASN A 183 -27.23 6.53 -18.81
CA ASN A 183 -28.53 5.95 -19.14
C ASN A 183 -28.52 4.44 -18.95
N LYS A 184 -27.37 3.81 -19.13
CA LYS A 184 -27.22 2.38 -18.90
C LYS A 184 -26.98 2.07 -17.43
N ASN A 185 -26.93 3.09 -16.57
CA ASN A 185 -26.60 2.93 -15.15
C ASN A 185 -25.23 2.26 -14.97
N LEU A 186 -24.30 2.57 -15.86
CA LEU A 186 -22.95 2.03 -15.80
C LEU A 186 -21.98 3.13 -15.38
N VAL A 187 -21.00 2.77 -14.56
CA VAL A 187 -20.01 3.70 -14.03
C VAL A 187 -18.67 3.44 -14.68
N HIS A 188 -18.05 4.50 -15.21
CA HIS A 188 -16.71 4.37 -15.76
C HIS A 188 -15.66 4.29 -14.65
N GLY A 189 -15.65 5.29 -13.78
CA GLY A 189 -14.78 5.29 -12.63
C GLY A 189 -13.42 5.92 -12.84
N ASN A 190 -12.95 6.11 -14.06
CA ASN A 190 -11.61 6.63 -14.25
C ASN A 190 -11.57 7.69 -15.37
N VAL A 191 -12.44 8.70 -15.28
CA VAL A 191 -12.47 9.74 -16.31
C VAL A 191 -11.33 10.71 -16.01
N CYS A 192 -10.36 10.76 -16.93
CA CYS A 192 -9.23 11.68 -16.87
C CYS A 192 -8.70 11.86 -18.29
N GLY A 193 -7.83 12.85 -18.45
CA GLY A 193 -7.26 13.13 -19.76
C GLY A 193 -6.39 12.02 -20.33
N ARG A 194 -5.66 11.31 -19.46
CA ARG A 194 -4.91 10.12 -19.87
C ARG A 194 -5.81 9.06 -20.51
N ASN A 195 -7.07 8.96 -20.09
CA ASN A 195 -7.96 7.94 -20.63
C ASN A 195 -8.80 8.45 -21.79
N ILE A 196 -8.50 9.65 -22.31
CA ILE A 196 -9.11 10.13 -23.53
C ILE A 196 -8.09 10.01 -24.64
N LEU A 197 -8.48 9.36 -25.73
CA LEU A 197 -7.58 9.11 -26.84
C LEU A 197 -8.06 9.84 -28.09
N LEU A 198 -7.12 10.36 -28.86
CA LEU A 198 -7.42 11.17 -30.02
C LEU A 198 -7.42 10.32 -31.29
N ALA A 199 -8.60 10.19 -31.90
CA ALA A 199 -8.76 9.48 -33.16
C ALA A 199 -8.53 10.39 -34.37
N ARG A 200 -8.92 11.67 -34.27
CA ARG A 200 -8.64 12.71 -35.25
C ARG A 200 -8.18 13.96 -34.51
N LEU A 201 -7.13 14.62 -35.04
CA LEU A 201 -6.56 15.77 -34.34
C LEU A 201 -7.43 17.03 -34.46
N GLY A 202 -8.06 17.27 -35.60
CA GLY A 202 -9.04 18.35 -35.72
C GLY A 202 -8.51 19.76 -35.54
N LEU A 203 -7.22 19.99 -35.82
CA LEU A 203 -6.63 21.32 -35.76
C LEU A 203 -6.61 22.03 -37.11
N ALA A 204 -6.50 21.27 -38.20
CA ALA A 204 -6.51 21.82 -39.55
C ALA A 204 -7.85 22.47 -39.88
N GLU A 205 -7.93 23.09 -41.05
CA GLU A 205 -9.12 23.84 -41.43
C GLU A 205 -10.23 22.89 -41.88
N GLY A 206 -11.45 23.19 -41.43
CA GLY A 206 -12.59 22.35 -41.76
C GLY A 206 -12.67 21.02 -41.04
N THR A 207 -11.84 20.82 -40.01
CA THR A 207 -11.80 19.56 -39.28
C THR A 207 -12.24 19.76 -37.84
N SER A 208 -12.83 18.72 -37.29
CA SER A 208 -13.14 18.71 -35.88
C SER A 208 -12.44 17.53 -35.22
N PRO A 209 -11.98 17.67 -33.98
CA PRO A 209 -11.34 16.54 -33.31
C PRO A 209 -12.34 15.42 -33.07
N PHE A 210 -11.81 14.25 -32.71
CA PHE A 210 -12.66 13.11 -32.44
C PHE A 210 -11.97 12.28 -31.38
N ILE A 211 -12.59 12.20 -30.21
CA ILE A 211 -12.01 11.51 -29.07
C ILE A 211 -12.73 10.18 -28.89
N LYS A 212 -12.06 9.31 -28.14
CA LYS A 212 -12.59 8.00 -27.76
C LYS A 212 -12.14 7.72 -26.34
N LEU A 213 -13.10 7.55 -25.44
CA LEU A 213 -12.81 7.28 -24.04
C LEU A 213 -12.36 5.83 -23.87
N SER A 214 -11.23 5.65 -23.20
CA SER A 214 -10.65 4.34 -22.97
C SER A 214 -11.47 3.57 -21.93
N ASP A 215 -11.21 2.27 -21.83
CA ASP A 215 -11.68 1.48 -20.71
C ASP A 215 -11.05 1.99 -19.42
N PRO A 216 -11.71 1.72 -18.27
CA PRO A 216 -11.17 2.20 -16.99
C PRO A 216 -9.98 1.42 -16.47
N GLY A 217 -9.52 0.37 -17.15
CA GLY A 217 -8.47 -0.45 -16.56
C GLY A 217 -8.97 -1.17 -15.31
N VAL A 218 -8.03 -1.56 -14.45
CA VAL A 218 -8.42 -2.22 -13.21
C VAL A 218 -9.39 -1.33 -12.45
N GLY A 219 -10.54 -1.89 -12.09
CA GLY A 219 -11.59 -1.13 -11.45
C GLY A 219 -11.19 -0.36 -10.21
N LEU A 220 -11.96 0.68 -9.88
CA LEU A 220 -11.59 1.58 -8.80
C LEU A 220 -11.67 0.89 -7.43
N GLY A 221 -12.68 0.04 -7.22
CA GLY A 221 -12.85 -0.59 -5.93
C GLY A 221 -11.74 -1.56 -5.56
N ALA A 222 -10.96 -1.99 -6.54
CA ALA A 222 -9.90 -2.96 -6.35
C ALA A 222 -8.58 -2.33 -5.92
N LEU A 223 -8.40 -1.03 -6.16
CA LEU A 223 -7.13 -0.34 -5.95
C LEU A 223 -6.93 0.06 -4.50
N SER A 224 -5.70 0.39 -4.18
CA SER A 224 -5.25 0.71 -2.84
C SER A 224 -5.53 2.18 -2.51
N ARG A 225 -5.51 2.48 -1.21
CA ARG A 225 -5.67 3.86 -0.78
C ARG A 225 -4.64 4.77 -1.44
N GLU A 226 -3.39 4.31 -1.54
CA GLU A 226 -2.33 5.13 -2.10
C GLU A 226 -2.59 5.43 -3.57
N GLU A 227 -3.03 4.42 -4.32
CA GLU A 227 -3.40 4.63 -5.71
C GLU A 227 -4.61 5.55 -5.82
N ARG A 228 -5.51 5.53 -4.84
CA ARG A 228 -6.64 6.46 -4.88
C ARG A 228 -6.16 7.89 -4.62
N VAL A 229 -5.25 8.06 -3.65
CA VAL A 229 -4.69 9.38 -3.39
C VAL A 229 -3.99 9.92 -4.64
N GLU A 230 -3.33 9.03 -5.40
CA GLU A 230 -2.64 9.40 -6.63
C GLU A 230 -3.58 9.90 -7.73
N ARG A 231 -4.85 9.51 -7.70
CA ARG A 231 -5.80 9.96 -8.71
C ARG A 231 -6.47 11.28 -8.35
N ILE A 232 -6.18 11.85 -7.19
CA ILE A 232 -6.68 13.19 -6.88
C ILE A 232 -6.07 14.17 -7.88
N PRO A 233 -6.86 15.09 -8.49
CA PRO A 233 -8.26 15.42 -8.22
C PRO A 233 -9.31 14.82 -9.16
N TRP A 234 -8.94 13.82 -9.96
CA TRP A 234 -9.94 13.14 -10.79
C TRP A 234 -10.83 12.25 -9.93
N LEU A 235 -10.24 11.60 -8.93
CA LEU A 235 -10.94 10.76 -7.98
C LEU A 235 -11.99 11.59 -7.23
N ALA A 236 -13.24 11.15 -7.30
CA ALA A 236 -14.30 11.79 -6.54
C ALA A 236 -14.05 11.66 -5.04
N PRO A 237 -14.23 12.73 -4.27
CA PRO A 237 -13.90 12.69 -2.83
C PRO A 237 -14.64 11.62 -2.04
N GLU A 238 -15.85 11.23 -2.43
CA GLU A 238 -16.54 10.14 -1.75
C GLU A 238 -15.81 8.81 -1.90
N CYS A 239 -14.89 8.70 -2.85
CA CYS A 239 -14.18 7.44 -3.08
C CYS A 239 -12.87 7.32 -2.30
N LEU A 240 -12.46 8.33 -1.53
CA LEU A 240 -11.18 8.24 -0.83
C LEU A 240 -11.21 7.25 0.33
N PRO A 241 -12.22 7.27 1.22
CA PRO A 241 -12.26 6.29 2.33
C PRO A 241 -12.57 4.85 1.89
N SER A 248 -21.37 4.61 -7.54
CA SER A 248 -22.44 5.34 -8.21
C SER A 248 -21.97 6.14 -9.41
N THR A 249 -22.92 6.45 -10.29
CA THR A 249 -22.62 7.23 -11.49
C THR A 249 -22.21 8.65 -11.16
N ALA A 250 -22.48 9.13 -9.94
CA ALA A 250 -22.14 10.49 -9.56
C ALA A 250 -20.62 10.76 -9.57
N MET A 251 -19.79 9.72 -9.39
CA MET A 251 -18.34 9.94 -9.35
C MET A 251 -17.76 10.32 -10.71
N ASP A 252 -18.42 9.91 -11.81
CA ASP A 252 -17.97 10.30 -13.15
C ASP A 252 -18.21 11.79 -13.42
N LYS A 253 -19.21 12.40 -12.77
CA LYS A 253 -19.42 13.83 -12.92
C LYS A 253 -18.26 14.62 -12.31
N TRP A 254 -17.75 14.18 -11.16
CA TRP A 254 -16.55 14.79 -10.62
C TRP A 254 -15.37 14.57 -11.58
N GLY A 255 -15.09 13.32 -11.92
CA GLY A 255 -14.03 13.04 -12.87
C GLY A 255 -14.17 13.86 -14.14
N PHE A 256 -15.40 14.07 -14.59
CA PHE A 256 -15.64 14.87 -15.79
C PHE A 256 -15.25 16.33 -15.55
N GLY A 257 -15.61 16.89 -14.40
CA GLY A 257 -15.24 18.25 -14.09
C GLY A 257 -13.74 18.44 -13.99
N ALA A 258 -13.05 17.48 -13.35
CA ALA A 258 -11.59 17.56 -13.22
C ALA A 258 -10.92 17.47 -14.58
N THR A 259 -11.44 16.60 -15.45
CA THR A 259 -10.91 16.47 -16.80
C THR A 259 -11.10 17.74 -17.61
N LEU A 260 -12.19 18.49 -17.39
CA LEU A 260 -12.34 19.79 -18.04
C LEU A 260 -11.29 20.78 -17.56
N LEU A 261 -11.01 20.82 -16.25
CA LEU A 261 -9.94 21.70 -15.75
C LEU A 261 -8.62 21.34 -16.41
N GLU A 262 -8.31 20.04 -16.45
CA GLU A 262 -7.11 19.54 -17.11
C GLU A 262 -7.09 19.93 -18.59
N ILE A 263 -8.21 19.83 -19.28
CA ILE A 263 -8.21 20.19 -20.69
C ILE A 263 -7.98 21.70 -20.87
N CYS A 264 -8.72 22.52 -20.13
CA CYS A 264 -8.53 23.97 -20.25
C CYS A 264 -7.12 24.42 -19.85
N PHE A 265 -6.48 23.74 -18.88
CA PHE A 265 -5.08 23.99 -18.54
C PHE A 265 -4.10 23.23 -19.43
N ASP A 266 -4.46 22.95 -20.67
CA ASP A 266 -3.56 22.38 -21.67
C ASP A 266 -2.83 21.13 -21.18
N GLY A 267 -3.60 20.24 -20.55
CA GLY A 267 -3.07 18.94 -20.17
C GLY A 267 -2.35 18.87 -18.85
N GLU A 268 -2.34 19.95 -18.07
CA GLU A 268 -1.72 19.97 -16.74
C GLU A 268 -2.82 19.99 -15.70
N ALA A 269 -2.88 19.00 -14.89
CA ALA A 269 -4.02 19.02 -14.00
C ALA A 269 -3.67 19.65 -12.66
N PRO A 270 -4.66 20.23 -11.97
CA PRO A 270 -4.39 20.83 -10.65
C PRO A 270 -3.81 19.80 -9.69
N LEU A 271 -3.10 20.32 -8.69
CA LEU A 271 -2.52 19.54 -7.60
C LEU A 271 -1.51 18.50 -8.08
N GLN A 272 -1.03 18.58 -9.34
CA GLN A 272 -0.14 17.53 -9.84
C GLN A 272 1.20 17.55 -9.11
N SER A 273 1.79 18.73 -8.92
CA SER A 273 3.09 18.83 -8.26
C SER A 273 3.03 18.50 -6.78
N ARG A 274 1.84 18.42 -6.19
CA ARG A 274 1.69 18.28 -4.76
C ARG A 274 1.92 16.84 -4.31
N SER A 275 2.23 16.68 -3.03
CA SER A 275 2.53 15.39 -2.45
C SER A 275 1.25 14.64 -2.09
N PRO A 276 1.33 13.32 -1.90
CA PRO A 276 0.13 12.58 -1.52
C PRO A 276 -0.54 13.10 -0.25
N SER A 277 0.24 13.41 0.79
CA SER A 277 -0.38 13.93 2.00
C SER A 277 -0.99 15.30 1.77
N GLU A 278 -0.41 16.11 0.89
CA GLU A 278 -1.00 17.39 0.54
C GLU A 278 -2.30 17.20 -0.24
N LYS A 279 -2.32 16.26 -1.19
CA LYS A 279 -3.54 15.99 -1.94
C LYS A 279 -4.66 15.56 -1.01
N GLU A 280 -4.35 14.69 -0.06
CA GLU A 280 -5.33 14.23 0.92
C GLU A 280 -5.82 15.38 1.79
N HIS A 281 -4.92 16.30 2.14
CA HIS A 281 -5.26 17.47 2.95
C HIS A 281 -6.25 18.37 2.21
N PHE A 282 -6.08 18.49 0.89
CA PHE A 282 -7.01 19.28 0.08
C PHE A 282 -8.42 18.73 0.21
N TYR A 283 -8.56 17.41 0.09
CA TYR A 283 -9.87 16.77 0.25
C TYR A 283 -10.34 16.80 1.71
N GLN A 284 -9.42 16.58 2.66
CA GLN A 284 -9.82 16.55 4.07
C GLN A 284 -10.48 17.86 4.48
N ARG A 285 -9.98 18.98 3.96
CA ARG A 285 -10.56 20.28 4.26
C ARG A 285 -11.60 20.71 3.24
N GLN A 286 -11.87 19.87 2.24
CA GLN A 286 -12.91 20.14 1.23
C GLN A 286 -12.69 21.47 0.53
N HIS A 287 -11.42 21.75 0.23
CA HIS A 287 -11.01 22.97 -0.44
C HIS A 287 -11.51 23.01 -1.89
N ARG A 288 -11.99 24.18 -2.30
CA ARG A 288 -12.56 24.36 -3.62
C ARG A 288 -11.49 24.24 -4.72
N LEU A 289 -11.77 23.43 -5.74
CA LEU A 289 -10.86 23.28 -6.86
C LEU A 289 -10.86 24.54 -7.73
N PRO A 290 -9.86 24.71 -8.58
CA PRO A 290 -9.71 25.97 -9.32
C PRO A 290 -10.79 26.15 -10.37
N GLU A 291 -10.83 27.37 -10.90
CA GLU A 291 -11.77 27.70 -11.96
C GLU A 291 -11.10 27.48 -13.31
N PRO A 292 -11.82 27.03 -14.33
CA PRO A 292 -11.17 26.78 -15.63
C PRO A 292 -10.73 28.08 -16.26
N SER A 293 -9.78 27.95 -17.19
CA SER A 293 -9.26 29.08 -17.94
C SER A 293 -10.16 29.38 -19.14
N CYS A 294 -11.45 29.52 -18.89
CA CYS A 294 -12.44 29.95 -19.86
C CYS A 294 -13.79 30.06 -19.15
N PRO A 295 -14.44 31.22 -19.20
CA PRO A 295 -15.74 31.36 -18.51
C PRO A 295 -16.81 30.47 -19.10
N GLN A 296 -16.65 30.03 -20.34
CA GLN A 296 -17.61 29.15 -20.98
C GLN A 296 -17.87 27.87 -20.17
N LEU A 297 -16.93 27.45 -19.32
CA LEU A 297 -17.08 26.22 -18.56
C LEU A 297 -17.05 26.41 -17.05
N ALA A 298 -16.87 27.64 -16.56
CA ALA A 298 -16.69 27.84 -15.13
C ALA A 298 -17.89 27.34 -14.34
N THR A 299 -19.10 27.64 -14.81
CA THR A 299 -20.31 27.19 -14.12
C THR A 299 -20.40 25.68 -14.10
N LEU A 300 -20.23 25.05 -15.28
CA LEU A 300 -20.30 23.61 -15.39
C LEU A 300 -19.30 22.92 -14.47
N THR A 301 -18.02 23.32 -14.52
CA THR A 301 -17.04 22.62 -13.70
C THR A 301 -17.33 22.83 -12.23
N SER A 302 -17.89 23.98 -11.86
CA SER A 302 -18.21 24.23 -10.46
C SER A 302 -19.35 23.33 -9.98
N GLN A 303 -20.38 23.14 -10.81
CA GLN A 303 -21.45 22.23 -10.45
C GLN A 303 -20.96 20.80 -10.36
N CYS A 304 -20.02 20.43 -11.22
CA CYS A 304 -19.50 19.07 -11.25
C CYS A 304 -18.56 18.81 -10.08
N LEU A 305 -17.76 19.80 -9.71
CA LEU A 305 -16.79 19.62 -8.63
C LEU A 305 -17.37 20.08 -7.29
N THR A 306 -18.57 19.59 -6.94
CA THR A 306 -19.14 19.79 -5.61
C THR A 306 -18.92 18.51 -4.78
N TYR A 307 -18.45 18.70 -3.54
CA TYR A 307 -18.13 17.56 -2.69
C TYR A 307 -19.35 16.68 -2.40
N GLU A 308 -20.54 17.26 -2.36
CA GLU A 308 -21.76 16.46 -2.21
C GLU A 308 -22.12 15.80 -3.53
N PRO A 309 -22.13 14.48 -3.61
CA PRO A 309 -22.46 13.82 -4.89
C PRO A 309 -23.86 14.10 -5.40
N THR A 310 -24.87 14.15 -4.50
CA THR A 310 -26.24 14.37 -4.98
C THR A 310 -26.45 15.77 -5.54
N GLN A 311 -25.53 16.70 -5.34
CA GLN A 311 -25.72 18.03 -5.87
C GLN A 311 -25.09 18.22 -7.25
N ARG A 312 -24.47 17.17 -7.82
CA ARG A 312 -23.85 17.26 -9.13
C ARG A 312 -24.91 17.09 -10.22
N PRO A 313 -24.82 17.83 -11.32
CA PRO A 313 -25.83 17.70 -12.38
C PRO A 313 -25.72 16.38 -13.11
N SER A 314 -26.81 15.99 -13.75
CA SER A 314 -26.78 14.79 -14.57
C SER A 314 -26.08 15.08 -15.89
N PHE A 315 -25.63 14.01 -16.55
CA PHE A 315 -24.96 14.21 -17.82
C PHE A 315 -25.92 14.65 -18.90
N ARG A 316 -27.20 14.31 -18.77
CA ARG A 316 -28.23 14.87 -19.65
C ARG A 316 -28.20 16.39 -19.61
N THR A 317 -28.13 16.95 -18.40
CA THR A 317 -28.08 18.39 -18.22
C THR A 317 -26.75 18.98 -18.68
N ILE A 318 -25.65 18.33 -18.30
CA ILE A 318 -24.32 18.76 -18.72
C ILE A 318 -24.26 18.88 -20.24
N LEU A 319 -24.66 17.82 -20.94
CA LEU A 319 -24.67 17.79 -22.39
C LEU A 319 -25.55 18.90 -22.97
N ARG A 320 -26.76 19.08 -22.42
CA ARG A 320 -27.66 20.09 -22.95
C ARG A 320 -27.07 21.50 -22.80
N ASP A 321 -26.34 21.75 -21.70
CA ASP A 321 -25.68 23.05 -21.51
C ASP A 321 -24.50 23.23 -22.44
N LEU A 322 -23.71 22.16 -22.67
CA LEU A 322 -22.55 22.27 -23.56
C LEU A 322 -22.93 22.51 -25.00
N THR A 323 -24.13 22.10 -25.42
CA THR A 323 -24.61 22.39 -26.76
C THR A 323 -25.46 23.65 -26.79
N ARG A 324 -25.08 24.66 -26.03
CA ARG A 324 -25.87 25.86 -25.86
C ARG A 324 -25.06 26.95 -25.15
N SER B 36 26.47 -22.68 20.66
CA SER B 36 26.89 -22.08 21.93
C SER B 36 25.72 -21.96 22.93
N PHE B 37 24.51 -22.34 22.53
CA PHE B 37 23.37 -22.30 23.43
C PHE B 37 23.53 -23.31 24.58
N HIS B 38 22.79 -23.08 25.65
CA HIS B 38 22.83 -23.94 26.83
C HIS B 38 21.72 -24.99 26.76
N ARG B 39 22.01 -26.18 27.29
CA ARG B 39 21.11 -27.32 27.23
C ARG B 39 20.30 -27.42 28.51
N VAL B 40 19.02 -27.77 28.36
CA VAL B 40 18.09 -27.96 29.47
C VAL B 40 17.54 -29.39 29.39
N ASP B 41 17.55 -30.10 30.51
CA ASP B 41 16.99 -31.45 30.56
C ASP B 41 15.49 -31.39 30.85
N GLN B 42 14.74 -32.34 30.29
CA GLN B 42 13.29 -32.31 30.53
C GLN B 42 12.93 -32.65 31.97
N LYS B 43 13.81 -33.28 32.74
CA LYS B 43 13.54 -33.46 34.17
C LYS B 43 13.37 -32.11 34.87
N GLU B 44 14.11 -31.10 34.40
CA GLU B 44 14.10 -29.78 35.04
C GLU B 44 12.84 -28.97 34.74
N ILE B 45 12.09 -29.25 33.66
CA ILE B 45 11.02 -28.36 33.26
C ILE B 45 9.66 -29.01 33.34
N THR B 46 8.66 -28.17 33.58
CA THR B 46 7.24 -28.51 33.66
C THR B 46 6.49 -27.59 32.71
N GLN B 47 5.64 -28.15 31.87
CA GLN B 47 4.83 -27.37 30.92
C GLN B 47 3.46 -27.07 31.51
N LEU B 48 3.05 -25.81 31.48
CA LEU B 48 1.72 -25.41 31.99
C LEU B 48 0.87 -24.96 30.80
N SER B 49 0.17 -23.82 30.85
CA SER B 49 -0.83 -23.60 29.82
C SER B 49 -0.26 -22.86 28.59
N HIS B 50 -0.97 -23.07 27.49
CA HIS B 50 -0.71 -22.44 26.21
C HIS B 50 -0.94 -20.94 26.32
N LEU B 51 0.05 -20.16 25.88
CA LEU B 51 -0.06 -18.72 25.86
C LEU B 51 -0.41 -18.16 24.49
N GLY B 52 -0.12 -18.89 23.44
CA GLY B 52 -0.29 -18.41 22.09
C GLY B 52 0.69 -19.08 21.15
N GLN B 53 0.89 -18.42 20.02
CA GLN B 53 1.69 -18.97 18.93
C GLN B 53 2.63 -17.89 18.40
N GLY B 54 3.83 -18.31 18.04
CA GLY B 54 4.76 -17.45 17.35
C GLY B 54 5.02 -18.06 15.99
N THR B 55 6.04 -17.58 15.30
CA THR B 55 6.40 -18.09 13.98
C THR B 55 6.95 -19.52 14.09
N ARG B 56 6.16 -20.49 13.62
CA ARG B 56 6.48 -21.93 13.69
C ARG B 56 6.60 -22.43 15.12
N THR B 57 5.89 -21.82 16.07
CA THR B 57 6.01 -22.23 17.47
C THR B 57 4.66 -22.21 18.18
N ASN B 58 4.58 -23.05 19.21
CA ASN B 58 3.51 -22.99 20.19
C ASN B 58 4.17 -22.65 21.51
N VAL B 59 3.64 -21.64 22.21
CA VAL B 59 4.27 -21.03 23.37
C VAL B 59 3.49 -21.43 24.62
N TYR B 60 4.20 -21.83 25.66
CA TYR B 60 3.57 -22.30 26.89
C TYR B 60 4.23 -21.66 28.11
N GLU B 61 3.46 -21.48 29.18
CA GLU B 61 4.03 -21.13 30.46
C GLU B 61 4.61 -22.40 31.09
N GLY B 62 5.67 -22.24 31.87
CA GLY B 62 6.32 -23.39 32.48
C GLY B 62 7.10 -23.07 33.75
N ARG B 63 7.78 -24.10 34.26
CA ARG B 63 8.59 -24.01 35.47
C ARG B 63 9.92 -24.71 35.22
N LEU B 64 11.00 -24.14 35.74
CA LEU B 64 12.35 -24.63 35.52
C LEU B 64 13.01 -24.88 36.86
N ARG B 65 13.50 -26.11 37.05
CA ARG B 65 14.12 -26.63 38.29
C ARG B 65 13.30 -26.30 39.53
N GLU B 92 13.42 -22.68 41.82
CA GLU B 92 12.43 -22.83 40.75
C GLU B 92 12.14 -21.47 40.08
N LEU B 93 12.17 -21.44 38.75
CA LEU B 93 11.93 -20.23 37.99
C LEU B 93 10.66 -20.35 37.17
N ARG B 94 10.00 -19.21 36.98
CA ARG B 94 8.88 -19.09 36.06
C ARG B 94 9.41 -18.87 34.64
N VAL B 95 9.00 -19.71 33.69
CA VAL B 95 9.56 -19.65 32.34
C VAL B 95 8.46 -19.72 31.27
N VAL B 96 8.91 -19.56 30.03
CA VAL B 96 8.10 -19.77 28.84
C VAL B 96 8.83 -20.77 27.95
N LEU B 97 8.07 -21.72 27.41
CA LEU B 97 8.58 -22.80 26.61
C LEU B 97 8.12 -22.56 25.18
N LYS B 98 9.05 -22.35 24.27
CA LYS B 98 8.72 -22.08 22.89
C LYS B 98 9.00 -23.35 22.09
N VAL B 99 7.93 -24.10 21.80
CA VAL B 99 8.03 -25.42 21.19
C VAL B 99 7.98 -25.26 19.66
N LEU B 100 9.05 -25.70 19.00
CA LEU B 100 9.14 -25.61 17.54
C LEU B 100 8.20 -26.61 16.87
N ASP B 101 7.57 -26.16 15.78
CA ASP B 101 6.79 -27.02 14.89
C ASP B 101 7.67 -28.16 14.38
N PRO B 102 7.08 -29.30 13.96
CA PRO B 102 7.82 -30.27 13.14
C PRO B 102 8.47 -29.53 11.97
N SER B 103 9.79 -29.61 11.82
CA SER B 103 10.51 -28.74 10.90
C SER B 103 11.66 -29.48 10.24
N HIS B 104 12.09 -28.93 9.11
CA HIS B 104 13.31 -29.38 8.48
C HIS B 104 14.51 -28.88 9.28
N HIS B 105 15.63 -29.60 9.12
CA HIS B 105 16.85 -29.27 9.86
C HIS B 105 17.25 -27.81 9.76
N ASP B 106 17.01 -27.17 8.60
CA ASP B 106 17.42 -25.78 8.40
C ASP B 106 16.62 -24.80 9.23
N ILE B 107 15.38 -25.16 9.59
CA ILE B 107 14.61 -24.33 10.51
C ILE B 107 15.06 -24.58 11.95
N ALA B 108 15.29 -25.85 12.29
CA ALA B 108 15.77 -26.20 13.61
C ALA B 108 17.12 -25.56 13.89
N LEU B 109 17.99 -25.50 12.87
CA LEU B 109 19.29 -24.86 13.01
C LEU B 109 19.12 -23.37 13.32
N ALA B 110 18.27 -22.69 12.57
CA ALA B 110 18.01 -21.28 12.82
C ALA B 110 17.45 -21.06 14.23
N PHE B 111 16.63 -21.99 14.72
CA PHE B 111 16.11 -21.93 16.08
C PHE B 111 17.23 -21.98 17.09
N TYR B 112 18.15 -22.96 16.95
CA TYR B 112 19.32 -23.04 17.81
C TYR B 112 20.20 -21.79 17.71
N GLU B 113 20.35 -21.24 16.50
CA GLU B 113 21.21 -20.08 16.34
C GLU B 113 20.67 -18.87 17.09
N THR B 114 19.35 -18.76 17.22
CA THR B 114 18.78 -17.66 18.01
C THR B 114 19.07 -17.87 19.49
N ALA B 115 18.89 -19.11 19.98
CA ALA B 115 19.27 -19.40 21.36
C ALA B 115 20.75 -19.15 21.60
N SER B 116 21.59 -19.49 20.63
CA SER B 116 23.02 -19.27 20.74
C SER B 116 23.35 -17.78 20.86
N LEU B 117 22.82 -16.96 19.95
CA LEU B 117 23.02 -15.51 20.02
C LEU B 117 22.53 -14.94 21.35
N MET B 118 21.30 -15.27 21.74
CA MET B 118 20.72 -14.76 22.98
C MET B 118 21.55 -15.11 24.22
N SER B 119 22.26 -16.24 24.21
CA SER B 119 23.00 -16.68 25.39
C SER B 119 24.33 -15.97 25.55
N GLN B 120 24.76 -15.20 24.58
CA GLN B 120 26.01 -14.47 24.67
C GLN B 120 25.82 -12.96 24.88
N VAL B 121 24.58 -12.46 24.93
CA VAL B 121 24.33 -11.05 25.12
C VAL B 121 23.59 -10.85 26.45
N SER B 122 23.73 -9.66 27.01
CA SER B 122 23.03 -9.25 28.22
C SER B 122 22.65 -7.79 28.06
N HIS B 123 21.43 -7.46 28.46
CA HIS B 123 21.02 -6.06 28.51
C HIS B 123 19.81 -5.97 29.42
N THR B 124 19.69 -4.84 30.12
CA THR B 124 18.58 -4.72 31.04
C THR B 124 17.24 -4.86 30.31
N HIS B 125 17.19 -4.55 29.01
CA HIS B 125 15.94 -4.64 28.25
C HIS B 125 15.95 -5.77 27.23
N LEU B 126 16.78 -6.79 27.43
CA LEU B 126 16.71 -8.05 26.68
C LEU B 126 16.33 -9.16 27.66
N ALA B 127 15.33 -9.95 27.31
CA ALA B 127 14.90 -11.01 28.21
C ALA B 127 15.86 -12.18 28.14
N PHE B 128 15.94 -12.99 29.21
CA PHE B 128 16.93 -14.08 29.23
C PHE B 128 16.42 -15.32 28.52
N VAL B 129 17.35 -16.05 27.91
CA VAL B 129 17.11 -17.36 27.34
C VAL B 129 17.94 -18.34 28.16
N HIS B 130 17.27 -19.31 28.81
CA HIS B 130 18.00 -20.29 29.62
C HIS B 130 18.64 -21.38 28.79
N GLY B 131 18.01 -21.78 27.69
CA GLY B 131 18.62 -22.73 26.76
C GLY B 131 17.57 -23.43 25.90
N VAL B 132 17.95 -24.62 25.42
CA VAL B 132 17.12 -25.46 24.57
C VAL B 132 16.98 -26.86 25.20
N CYS B 133 15.77 -27.39 25.20
CA CYS B 133 15.51 -28.75 25.64
C CYS B 133 15.07 -29.59 24.45
N VAL B 134 15.39 -30.87 24.51
CA VAL B 134 15.08 -31.79 23.42
C VAL B 134 14.13 -32.87 23.93
N ARG B 135 13.14 -33.19 23.09
CA ARG B 135 12.23 -34.32 23.29
C ARG B 135 12.17 -35.10 21.95
N GLY B 136 13.22 -35.86 21.66
CA GLY B 136 13.34 -36.55 20.42
C GLY B 136 13.57 -35.60 19.26
N PRO B 137 12.60 -35.52 18.33
CA PRO B 137 12.71 -34.55 17.24
C PRO B 137 12.20 -33.16 17.61
N GLU B 138 11.59 -33.01 18.80
CA GLU B 138 10.98 -31.77 19.26
C GLU B 138 12.00 -30.87 19.96
N ASN B 139 11.97 -29.58 19.61
CA ASN B 139 12.90 -28.58 20.11
C ASN B 139 12.12 -27.52 20.88
N ILE B 140 12.58 -27.19 22.08
CA ILE B 140 11.87 -26.31 23.00
C ILE B 140 12.86 -25.29 23.55
N MET B 141 12.69 -24.04 23.18
CA MET B 141 13.49 -22.98 23.76
C MET B 141 12.86 -22.57 25.09
N VAL B 142 13.68 -22.50 26.14
CA VAL B 142 13.24 -22.15 27.48
C VAL B 142 13.66 -20.70 27.75
N THR B 143 12.68 -19.84 28.04
CA THR B 143 12.95 -18.42 28.19
C THR B 143 12.37 -17.85 29.48
N GLU B 144 12.87 -16.67 29.83
CA GLU B 144 12.32 -15.88 30.93
C GLU B 144 10.83 -15.57 30.74
N TYR B 145 10.05 -15.76 31.79
CA TYR B 145 8.66 -15.33 31.80
C TYR B 145 8.61 -13.83 32.12
N VAL B 146 8.10 -13.01 31.20
CA VAL B 146 7.97 -11.58 31.48
C VAL B 146 6.52 -11.27 31.85
N GLU B 147 6.33 -10.83 33.10
CA GLU B 147 5.04 -10.77 33.81
C GLU B 147 3.81 -10.38 32.99
N HIS B 148 3.81 -9.20 32.38
CA HIS B 148 2.57 -8.71 31.77
C HIS B 148 2.45 -9.00 30.27
N GLY B 149 3.37 -9.79 29.70
CA GLY B 149 3.21 -10.28 28.34
C GLY B 149 3.48 -9.27 27.24
N PRO B 150 3.06 -9.61 26.01
CA PRO B 150 3.35 -8.77 24.83
C PRO B 150 2.75 -7.36 24.88
N LEU B 151 3.58 -6.37 24.52
CA LEU B 151 3.18 -4.96 24.54
C LEU B 151 1.96 -4.67 23.66
N ASP B 152 1.94 -5.18 22.42
CA ASP B 152 0.91 -4.78 21.49
C ASP B 152 -0.48 -5.19 21.97
N VAL B 153 -0.61 -6.45 22.44
CA VAL B 153 -1.85 -6.95 23.03
C VAL B 153 -2.32 -6.04 24.16
N TRP B 154 -1.38 -5.64 25.03
CA TRP B 154 -1.67 -4.80 26.17
C TRP B 154 -2.13 -3.40 25.74
N LEU B 155 -1.46 -2.83 24.73
CA LEU B 155 -1.81 -1.50 24.26
C LEU B 155 -3.24 -1.48 23.71
N ARG B 156 -3.59 -2.46 22.88
CA ARG B 156 -4.92 -2.54 22.32
C ARG B 156 -5.97 -2.62 23.43
N ARG B 157 -5.69 -3.42 24.47
CA ARG B 157 -6.58 -3.52 25.61
C ARG B 157 -6.65 -2.21 26.38
N GLU B 158 -5.55 -1.47 26.45
CA GLU B 158 -5.46 -0.30 27.33
C GLU B 158 -5.54 1.02 26.59
N ARG B 159 -6.13 1.05 25.40
CA ARG B 159 -5.99 2.25 24.58
C ARG B 159 -6.84 3.40 25.09
N GLY B 160 -6.28 4.61 25.00
CA GLY B 160 -6.78 5.76 25.70
C GLY B 160 -6.30 5.85 27.14
N HIS B 161 -5.97 4.71 27.76
CA HIS B 161 -5.39 4.69 29.09
C HIS B 161 -3.94 5.13 29.10
N VAL B 162 -3.28 5.19 27.93
CA VAL B 162 -1.82 5.22 27.87
C VAL B 162 -1.36 6.62 27.45
N PRO B 163 -0.69 7.36 28.32
CA PRO B 163 -0.22 8.70 27.97
C PRO B 163 1.02 8.69 27.07
N MET B 164 1.25 9.85 26.43
CA MET B 164 2.35 10.00 25.49
C MET B 164 3.71 9.81 26.15
N ALA B 165 3.84 10.28 27.40
CA ALA B 165 5.11 10.16 28.11
C ALA B 165 5.47 8.69 28.34
N TRP B 166 4.47 7.87 28.64
CA TRP B 166 4.72 6.44 28.79
C TRP B 166 5.31 5.87 27.50
N LYS B 167 4.75 6.26 26.36
CA LYS B 167 5.26 5.77 25.08
C LYS B 167 6.69 6.25 24.82
N MET B 168 7.04 7.46 25.25
CA MET B 168 8.40 7.94 25.02
C MET B 168 9.40 7.18 25.88
N VAL B 169 9.00 6.74 27.07
CA VAL B 169 9.88 5.92 27.91
C VAL B 169 10.17 4.58 27.24
N VAL B 170 9.12 3.92 26.76
CA VAL B 170 9.27 2.62 26.09
C VAL B 170 10.10 2.74 24.82
N ALA B 171 9.88 3.82 24.05
CA ALA B 171 10.72 4.05 22.87
C ALA B 171 12.19 4.15 23.25
N GLN B 172 12.49 4.88 24.32
CA GLN B 172 13.86 5.05 24.79
C GLN B 172 14.46 3.72 25.21
N GLN B 173 13.69 2.91 25.94
CA GLN B 173 14.19 1.62 26.41
C GLN B 173 14.47 0.70 25.24
N LEU B 174 13.61 0.73 24.22
CA LEU B 174 13.83 -0.14 23.07
C LEU B 174 15.09 0.30 22.31
N ALA B 175 15.23 1.61 22.05
CA ALA B 175 16.42 2.12 21.37
C ALA B 175 17.71 1.80 22.14
N SER B 176 17.65 1.82 23.46
CA SER B 176 18.82 1.47 24.26
C SER B 176 19.25 0.03 23.99
N ALA B 177 18.29 -0.91 24.00
CA ALA B 177 18.59 -2.32 23.74
C ALA B 177 19.18 -2.51 22.36
N LEU B 178 18.59 -1.85 21.34
CA LEU B 178 19.08 -1.97 19.98
C LEU B 178 20.40 -1.25 19.81
N SER B 179 20.60 -0.17 20.55
CA SER B 179 21.88 0.52 20.56
C SER B 179 23.00 -0.43 20.99
N TYR B 180 22.74 -1.22 22.03
CA TYR B 180 23.72 -2.19 22.50
C TYR B 180 23.95 -3.28 21.46
N LEU B 181 22.89 -3.76 20.81
CA LEU B 181 23.04 -4.79 19.78
C LEU B 181 23.77 -4.26 18.56
N GLU B 182 23.47 -3.00 18.17
CA GLU B 182 24.20 -2.35 17.10
C GLU B 182 25.70 -2.32 17.41
N ASN B 183 26.05 -2.01 18.66
CA ASN B 183 27.46 -1.87 19.00
C ASN B 183 28.21 -3.19 18.89
N LYS B 184 27.51 -4.31 19.07
CA LYS B 184 28.09 -5.64 18.94
C LYS B 184 27.96 -6.20 17.52
N ASN B 185 27.48 -5.38 16.58
CA ASN B 185 27.26 -5.82 15.19
C ASN B 185 26.37 -7.05 15.14
N LEU B 186 25.40 -7.12 16.04
CA LEU B 186 24.41 -8.19 16.05
C LEU B 186 23.06 -7.66 15.58
N VAL B 187 22.29 -8.52 14.92
CA VAL B 187 21.01 -8.14 14.32
C VAL B 187 19.90 -8.88 15.02
N HIS B 188 18.85 -8.15 15.41
CA HIS B 188 17.71 -8.82 16.03
C HIS B 188 16.83 -9.42 14.95
N GLY B 189 16.35 -8.58 14.04
CA GLY B 189 15.67 -9.03 12.85
C GLY B 189 14.19 -9.25 12.98
N ASN B 190 13.60 -8.97 14.15
CA ASN B 190 12.17 -9.20 14.35
C ASN B 190 11.67 -8.22 15.41
N VAL B 191 11.92 -6.93 15.19
CA VAL B 191 11.49 -5.90 16.10
C VAL B 191 10.05 -5.48 15.76
N CYS B 192 9.14 -5.72 16.68
CA CYS B 192 7.73 -5.44 16.56
C CYS B 192 7.15 -5.46 17.96
N GLY B 193 5.95 -4.92 18.07
CA GLY B 193 5.32 -4.79 19.36
C GLY B 193 5.01 -6.12 20.02
N ARG B 194 4.76 -7.16 19.21
CA ARG B 194 4.49 -8.46 19.82
C ARG B 194 5.72 -9.03 20.50
N ASN B 195 6.92 -8.66 20.03
CA ASN B 195 8.17 -9.14 20.61
C ASN B 195 8.71 -8.21 21.68
N ILE B 196 7.91 -7.25 22.14
CA ILE B 196 8.25 -6.40 23.28
C ILE B 196 7.34 -6.82 24.42
N LEU B 197 7.94 -7.15 25.56
CA LEU B 197 7.23 -7.70 26.71
C LEU B 197 7.30 -6.75 27.91
N LEU B 198 6.20 -6.64 28.65
CA LEU B 198 6.11 -5.70 29.77
C LEU B 198 6.45 -6.38 31.09
N ALA B 199 7.56 -5.95 31.69
CA ALA B 199 7.94 -6.41 33.03
C ALA B 199 7.29 -5.57 34.13
N ARG B 200 7.04 -4.28 33.86
CA ARG B 200 6.36 -3.35 34.76
C ARG B 200 5.38 -2.51 33.96
N LEU B 201 4.17 -2.31 34.48
CA LEU B 201 3.15 -1.57 33.73
C LEU B 201 3.39 -0.06 33.69
N GLY B 202 3.78 0.56 34.82
CA GLY B 202 4.17 1.97 34.81
C GLY B 202 3.09 3.01 34.53
N LEU B 203 1.81 2.70 34.77
CA LEU B 203 0.73 3.67 34.63
C LEU B 203 0.33 4.34 35.94
N ALA B 204 0.59 3.69 37.08
CA ALA B 204 0.31 4.30 38.36
C ALA B 204 1.23 5.50 38.61
N GLU B 205 0.75 6.42 39.46
CA GLU B 205 1.51 7.61 39.80
C GLU B 205 2.86 7.22 40.40
N GLY B 206 3.93 7.85 39.91
CA GLY B 206 5.25 7.59 40.42
C GLY B 206 5.91 6.31 39.97
N THR B 207 5.31 5.58 39.02
CA THR B 207 5.94 4.39 38.45
C THR B 207 6.29 4.62 36.99
N SER B 208 7.16 3.77 36.48
CA SER B 208 7.64 3.85 35.12
C SER B 208 7.58 2.48 34.45
N PRO B 209 7.22 2.42 33.17
CA PRO B 209 7.18 1.12 32.51
C PRO B 209 8.59 0.59 32.30
N PHE B 210 8.68 -0.72 32.14
CA PHE B 210 9.95 -1.40 31.92
C PHE B 210 9.74 -2.54 30.93
N ILE B 211 10.36 -2.45 29.75
CA ILE B 211 10.14 -3.42 28.68
C ILE B 211 11.34 -4.35 28.58
N LYS B 212 11.09 -5.51 27.97
CA LYS B 212 12.14 -6.46 27.65
C LYS B 212 11.87 -6.94 26.23
N LEU B 213 12.88 -6.85 25.38
CA LEU B 213 12.80 -7.32 24.01
C LEU B 213 12.97 -8.83 23.99
N SER B 214 12.02 -9.51 23.35
CA SER B 214 12.04 -10.97 23.20
C SER B 214 13.17 -11.40 22.27
N ASP B 215 13.52 -12.67 22.35
CA ASP B 215 14.39 -13.25 21.35
C ASP B 215 13.70 -13.17 19.98
N PRO B 216 14.47 -13.16 18.90
CA PRO B 216 13.87 -13.03 17.56
C PRO B 216 13.19 -14.30 17.03
N GLY B 217 13.22 -15.41 17.77
CA GLY B 217 12.64 -16.64 17.25
C GLY B 217 13.42 -17.17 16.06
N VAL B 218 12.75 -18.02 15.27
CA VAL B 218 13.38 -18.56 14.07
C VAL B 218 13.84 -17.40 13.19
N GLY B 219 15.12 -17.42 12.81
CA GLY B 219 15.71 -16.28 12.14
C GLY B 219 15.05 -15.98 10.81
N LEU B 220 15.12 -14.71 10.42
CA LEU B 220 14.52 -14.24 9.17
C LEU B 220 15.09 -14.95 7.95
N GLY B 221 16.38 -15.32 8.00
CA GLY B 221 17.02 -15.92 6.83
C GLY B 221 16.40 -17.23 6.41
N ALA B 222 15.74 -17.92 7.33
CA ALA B 222 15.20 -19.23 7.03
C ALA B 222 13.70 -19.21 6.70
N LEU B 223 13.03 -18.07 6.80
CA LEU B 223 11.60 -18.01 6.56
C LEU B 223 11.27 -17.97 5.06
N SER B 224 10.01 -18.33 4.76
CA SER B 224 9.48 -18.29 3.40
C SER B 224 9.11 -16.87 3.01
N ARG B 225 8.91 -16.67 1.70
CA ARG B 225 8.55 -15.34 1.21
C ARG B 225 7.20 -14.90 1.77
N GLU B 226 6.25 -15.84 1.89
CA GLU B 226 4.93 -15.49 2.41
C GLU B 226 5.00 -15.07 3.88
N GLU B 227 5.89 -15.68 4.66
CA GLU B 227 6.03 -15.27 6.05
C GLU B 227 6.70 -13.91 6.15
N ARG B 228 7.67 -13.64 5.28
CA ARG B 228 8.26 -12.31 5.24
C ARG B 228 7.22 -11.26 4.89
N VAL B 229 6.37 -11.53 3.89
CA VAL B 229 5.31 -10.59 3.53
C VAL B 229 4.36 -10.36 4.70
N GLU B 230 4.10 -11.39 5.50
CA GLU B 230 3.24 -11.21 6.65
C GLU B 230 3.83 -10.28 7.72
N ARG B 231 5.14 -10.04 7.72
CA ARG B 231 5.74 -9.12 8.71
C ARG B 231 5.76 -7.68 8.25
N ILE B 232 5.20 -7.38 7.09
CA ILE B 232 5.07 -5.97 6.69
C ILE B 232 4.08 -5.30 7.62
N PRO B 233 4.35 -4.09 8.12
CA PRO B 233 5.46 -3.19 7.79
C PRO B 233 6.69 -3.25 8.69
N TRP B 234 6.78 -4.22 9.61
CA TRP B 234 7.98 -4.31 10.45
C TRP B 234 9.19 -4.79 9.66
N LEU B 235 8.97 -5.64 8.67
CA LEU B 235 10.03 -6.15 7.81
C LEU B 235 10.68 -5.02 7.01
N ALA B 236 12.01 -5.04 6.94
CA ALA B 236 12.69 -4.04 6.14
C ALA B 236 12.49 -4.36 4.65
N PRO B 237 12.32 -3.33 3.81
CA PRO B 237 12.04 -3.60 2.39
C PRO B 237 13.14 -4.37 1.68
N GLU B 238 14.40 -4.20 2.09
CA GLU B 238 15.51 -4.93 1.49
C GLU B 238 15.47 -6.43 1.82
N CYS B 239 14.71 -6.82 2.84
CA CYS B 239 14.57 -8.23 3.23
C CYS B 239 13.44 -8.95 2.50
N LEU B 240 12.74 -8.27 1.59
CA LEU B 240 11.60 -8.88 0.92
C LEU B 240 12.03 -9.84 -0.19
N PRO B 241 12.94 -9.45 -1.09
CA PRO B 241 13.34 -10.39 -2.15
C PRO B 241 14.45 -11.34 -1.72
N SER B 248 22.69 -7.55 8.01
CA SER B 248 22.90 -6.13 8.24
C SER B 248 22.02 -5.55 9.35
N THR B 249 22.61 -4.72 10.23
CA THR B 249 21.86 -4.17 11.37
C THR B 249 20.89 -3.06 10.94
N ALA B 250 21.09 -2.47 9.76
CA ALA B 250 20.19 -1.43 9.27
C ALA B 250 18.72 -1.89 9.24
N MET B 251 18.45 -3.19 9.11
CA MET B 251 17.06 -3.63 9.08
C MET B 251 16.35 -3.41 10.42
N ASP B 252 17.10 -3.40 11.53
CA ASP B 252 16.46 -3.11 12.82
C ASP B 252 16.04 -1.65 12.95
N LYS B 253 16.62 -0.72 12.17
CA LYS B 253 16.14 0.65 12.22
C LYS B 253 14.75 0.77 11.60
N TRP B 254 14.52 0.10 10.47
CA TRP B 254 13.17 0.10 9.91
C TRP B 254 12.18 -0.52 10.89
N GLY B 255 12.54 -1.70 11.44
CA GLY B 255 11.64 -2.36 12.35
C GLY B 255 11.32 -1.52 13.57
N PHE B 256 12.35 -0.83 14.11
CA PHE B 256 12.17 0.11 15.22
C PHE B 256 11.17 1.20 14.84
N GLY B 257 11.32 1.77 13.65
CA GLY B 257 10.43 2.84 13.24
C GLY B 257 9.01 2.36 13.02
N ALA B 258 8.85 1.16 12.45
CA ALA B 258 7.51 0.57 12.33
C ALA B 258 6.88 0.35 13.69
N THR B 259 7.68 -0.13 14.66
CA THR B 259 7.20 -0.36 16.02
C THR B 259 6.81 0.94 16.71
N LEU B 260 7.54 2.03 16.49
CA LEU B 260 7.12 3.33 17.01
C LEU B 260 5.73 3.68 16.50
N LEU B 261 5.50 3.51 15.18
CA LEU B 261 4.17 3.68 14.62
C LEU B 261 3.15 2.82 15.34
N GLU B 262 3.51 1.55 15.58
CA GLU B 262 2.60 0.61 16.22
C GLU B 262 2.27 1.03 17.66
N ILE B 263 3.28 1.50 18.41
CA ILE B 263 3.05 1.98 19.77
C ILE B 263 2.18 3.23 19.79
N CYS B 264 2.46 4.18 18.91
CA CYS B 264 1.73 5.45 18.93
C CYS B 264 0.26 5.26 18.55
N PHE B 265 -0.03 4.28 17.69
CA PHE B 265 -1.39 3.88 17.30
C PHE B 265 -2.05 2.93 18.31
N ASP B 266 -1.51 2.79 19.52
CA ASP B 266 -2.05 1.91 20.57
C ASP B 266 -2.18 0.45 20.12
N GLY B 267 -1.13 -0.07 19.50
CA GLY B 267 -1.11 -1.49 19.17
C GLY B 267 -1.73 -1.85 17.84
N GLU B 268 -2.16 -0.89 17.05
CA GLU B 268 -2.64 -1.17 15.70
C GLU B 268 -1.49 -0.87 14.74
N ALA B 269 -1.08 -1.85 14.03
CA ALA B 269 -0.01 -1.48 13.12
C ALA B 269 -0.58 -1.03 11.79
N PRO B 270 0.12 -0.18 11.05
CA PRO B 270 -0.36 0.22 9.73
C PRO B 270 -0.33 -0.96 8.76
N LEU B 271 -1.25 -0.95 7.81
CA LEU B 271 -1.40 -2.00 6.81
C LEU B 271 -2.00 -3.27 7.39
N GLN B 272 -2.68 -3.15 8.53
CA GLN B 272 -3.19 -4.27 9.33
C GLN B 272 -4.21 -5.11 8.59
N SER B 273 -5.38 -4.54 8.31
CA SER B 273 -6.47 -5.25 7.66
C SER B 273 -6.19 -5.61 6.20
N ARG B 274 -5.06 -5.20 5.65
CA ARG B 274 -4.75 -5.45 4.24
C ARG B 274 -4.26 -6.87 4.03
N SER B 275 -4.51 -7.38 2.82
CA SER B 275 -4.11 -8.72 2.44
C SER B 275 -2.63 -8.76 2.11
N PRO B 276 -2.01 -9.93 2.25
CA PRO B 276 -0.59 -10.03 1.91
C PRO B 276 -0.21 -9.44 0.55
N SER B 277 -0.98 -9.72 -0.50
CA SER B 277 -0.63 -9.17 -1.82
C SER B 277 -0.62 -7.65 -1.79
N GLU B 278 -1.59 -7.04 -1.10
CA GLU B 278 -1.64 -5.58 -0.97
C GLU B 278 -0.41 -5.04 -0.23
N LYS B 279 -0.06 -5.68 0.89
CA LYS B 279 1.15 -5.29 1.63
C LYS B 279 2.36 -5.33 0.73
N GLU B 280 2.48 -6.40 -0.06
CA GLU B 280 3.64 -6.59 -0.93
C GLU B 280 3.70 -5.51 -2.00
N HIS B 281 2.53 -5.11 -2.52
CA HIS B 281 2.48 -4.07 -3.54
C HIS B 281 2.83 -2.70 -2.97
N PHE B 282 2.51 -2.46 -1.68
CA PHE B 282 2.93 -1.23 -1.03
C PHE B 282 4.44 -1.06 -1.07
N TYR B 283 5.19 -2.15 -0.81
CA TYR B 283 6.64 -2.10 -0.87
C TYR B 283 7.15 -1.97 -2.30
N GLN B 284 6.48 -2.64 -3.26
CA GLN B 284 6.92 -2.58 -4.66
C GLN B 284 6.88 -1.14 -5.17
N ARG B 285 5.81 -0.40 -4.86
CA ARG B 285 5.72 1.00 -5.25
C ARG B 285 6.50 1.91 -4.30
N GLN B 286 7.01 1.37 -3.19
CA GLN B 286 7.81 2.15 -2.23
C GLN B 286 7.02 3.33 -1.68
N HIS B 287 5.75 3.11 -1.36
CA HIS B 287 4.92 4.16 -0.80
C HIS B 287 5.39 4.55 0.61
N ARG B 288 5.02 5.75 1.03
CA ARG B 288 5.37 6.28 2.35
C ARG B 288 4.48 5.75 3.43
N LEU B 289 5.09 5.25 4.50
CA LEU B 289 4.32 4.89 5.67
C LEU B 289 3.81 6.15 6.35
N PRO B 290 2.68 6.07 7.05
CA PRO B 290 2.10 7.28 7.65
C PRO B 290 2.98 7.85 8.76
N GLU B 291 2.62 9.06 9.17
CA GLU B 291 3.29 9.73 10.29
C GLU B 291 2.69 9.24 11.60
N PRO B 292 3.48 9.12 12.65
CA PRO B 292 2.94 8.67 13.93
C PRO B 292 1.98 9.70 14.51
N SER B 293 0.96 9.20 15.20
CA SER B 293 0.05 10.06 15.95
C SER B 293 0.71 10.71 17.17
N CYS B 294 1.95 10.35 17.45
CA CYS B 294 2.86 11.00 18.38
C CYS B 294 3.67 12.05 17.62
N PRO B 295 3.24 13.31 17.63
CA PRO B 295 3.85 14.29 16.71
C PRO B 295 5.34 14.53 16.92
N GLN B 296 5.85 14.43 18.16
CA GLN B 296 7.28 14.66 18.37
C GLN B 296 8.15 13.62 17.65
N LEU B 297 7.64 12.40 17.46
CA LEU B 297 8.41 11.30 16.86
C LEU B 297 8.35 11.29 15.33
N ALA B 298 7.61 12.21 14.71
CA ALA B 298 7.37 12.19 13.27
C ALA B 298 8.67 12.18 12.46
N THR B 299 9.61 13.09 12.78
CA THR B 299 10.86 13.15 12.04
C THR B 299 11.68 11.88 12.20
N LEU B 300 11.69 11.32 13.41
CA LEU B 300 12.51 10.16 13.74
C LEU B 300 12.05 8.92 12.99
N THR B 301 10.74 8.62 13.05
CA THR B 301 10.24 7.42 12.38
C THR B 301 10.36 7.56 10.87
N SER B 302 10.20 8.78 10.36
CA SER B 302 10.45 9.03 8.95
C SER B 302 11.88 8.64 8.57
N GLN B 303 12.87 9.05 9.38
CA GLN B 303 14.27 8.72 9.10
C GLN B 303 14.53 7.22 9.19
N CYS B 304 13.88 6.53 10.13
CA CYS B 304 14.05 5.09 10.24
C CYS B 304 13.38 4.36 9.10
N LEU B 305 12.21 4.83 8.68
CA LEU B 305 11.44 4.18 7.62
C LEU B 305 11.84 4.69 6.25
N THR B 306 13.12 4.86 5.95
CA THR B 306 13.53 5.21 4.60
C THR B 306 13.92 3.94 3.87
N TYR B 307 13.51 3.85 2.60
CA TYR B 307 13.71 2.61 1.84
C TYR B 307 15.18 2.32 1.62
N GLU B 308 16.03 3.35 1.55
CA GLU B 308 17.46 3.15 1.37
C GLU B 308 18.11 2.88 2.72
N PRO B 309 18.60 1.66 2.96
CA PRO B 309 19.09 1.30 4.31
C PRO B 309 20.24 2.16 4.83
N THR B 310 21.12 2.65 3.96
CA THR B 310 22.26 3.46 4.39
C THR B 310 21.86 4.88 4.76
N GLN B 311 20.67 5.32 4.38
CA GLN B 311 20.15 6.60 4.81
C GLN B 311 19.60 6.59 6.24
N ARG B 312 19.36 5.40 6.83
CA ARG B 312 18.76 5.33 8.16
C ARG B 312 19.79 5.67 9.24
N PRO B 313 19.40 6.40 10.28
CA PRO B 313 20.38 6.80 11.31
C PRO B 313 20.81 5.63 12.17
N SER B 314 21.95 5.81 12.83
CA SER B 314 22.41 4.82 13.80
C SER B 314 21.55 4.88 15.04
N PHE B 315 21.60 3.80 15.83
CA PHE B 315 20.86 3.80 17.08
C PHE B 315 21.49 4.74 18.10
N ARG B 316 22.77 5.06 17.96
CA ARG B 316 23.35 6.09 18.81
C ARG B 316 22.64 7.41 18.60
N THR B 317 22.47 7.79 17.35
CA THR B 317 21.75 9.01 16.99
C THR B 317 20.30 8.95 17.44
N ILE B 318 19.63 7.82 17.16
CA ILE B 318 18.23 7.65 17.54
C ILE B 318 18.08 7.81 19.04
N LEU B 319 18.96 7.15 19.80
CA LEU B 319 18.91 7.23 21.25
C LEU B 319 19.10 8.67 21.73
N ARG B 320 20.05 9.41 21.13
CA ARG B 320 20.30 10.78 21.57
C ARG B 320 19.11 11.69 21.29
N ASP B 321 18.46 11.51 20.14
CA ASP B 321 17.29 12.33 19.82
C ASP B 321 16.12 12.04 20.76
N LEU B 322 15.90 10.76 21.10
CA LEU B 322 14.78 10.41 21.97
C LEU B 322 14.99 10.92 23.39
N THR B 323 16.24 11.09 23.81
CA THR B 323 16.45 11.64 25.15
C THR B 323 16.36 13.16 25.12
N ARG B 324 16.94 13.79 24.11
CA ARG B 324 16.93 15.25 23.99
C ARG B 324 15.60 15.74 23.39
#